data_1Z1F
#
_entry.id   1Z1F
#
_cell.length_a   100.746
_cell.length_b   100.746
_cell.length_c   74.080
_cell.angle_alpha   90.00
_cell.angle_beta   90.00
_cell.angle_gamma   120.00
#
_symmetry.space_group_name_H-M   'P 31 2 1'
#
loop_
_entity.id
_entity.type
_entity.pdbx_description
1 polymer 'stilbene synthase'
2 non-polymer RESVERATROL
3 non-polymer 'CITRIC ACID'
4 water water
#
_entity_poly.entity_id   1
_entity_poly.type   'polypeptide(L)'
_entity_poly.pdbx_seq_one_letter_code
;AMVSVSGIRKVQRAEGPATVLAIGTANPPNCVDQSTYADYYFRVTNSEHMTDLKKKFQRICERTQIKNRHMYLTEEILKE
NPNMCAYKAPSLDAREDMMIREVPRVGKEAATKAIKEWGQPMSKITHLIFCTTSGVALPGVDYELIVLLGLDPSVKRYMM
YHQGCFAGGTVLRLAKDLAENNKDARVLIVCSENTSVTFRGPSETDMDSLVGQALFADGAAAIIIGSDPVPEVENPLFEI
VSTDQQLVPNSHGAIGGLLREVGLTFYLNKSVPDIISQNINDALSKAFDPLGISDYNSIFWIAHPGGRAILDQVEEKVNL
KPEKMKATRDVLSNYGNMSSACVFFIMDLMRKKSLEAGLKTTGEGLDWGVLFGFGPGLTIETVVLRSMAI
;
_entity_poly.pdbx_strand_id   A
#
# COMPACT_ATOMS: atom_id res chain seq x y z
N VAL A 3 34.92 9.77 -21.20
CA VAL A 3 36.01 8.93 -21.77
C VAL A 3 36.04 7.54 -21.12
N SER A 4 35.99 7.51 -19.78
CA SER A 4 36.01 6.25 -19.04
C SER A 4 34.66 5.94 -18.40
N VAL A 5 33.87 5.08 -19.05
CA VAL A 5 32.57 4.70 -18.52
C VAL A 5 32.78 4.12 -17.13
N SER A 6 34.04 3.78 -16.85
CA SER A 6 34.44 3.21 -15.56
C SER A 6 34.62 4.30 -14.52
N GLY A 7 35.09 5.46 -14.97
CA GLY A 7 35.29 6.57 -14.05
C GLY A 7 34.00 7.30 -13.77
N ILE A 8 33.17 7.46 -14.80
CA ILE A 8 31.88 8.12 -14.66
C ILE A 8 31.06 7.35 -13.64
N ARG A 9 31.12 6.03 -13.75
CA ARG A 9 30.39 5.13 -12.87
C ARG A 9 30.83 5.34 -11.42
N LYS A 10 32.14 5.26 -11.21
CA LYS A 10 32.75 5.41 -9.89
C LYS A 10 32.40 6.68 -9.13
N VAL A 11 32.13 7.76 -9.86
CA VAL A 11 31.80 9.05 -9.26
C VAL A 11 30.31 9.38 -9.20
N GLN A 12 29.52 8.79 -10.09
CA GLN A 12 28.09 9.06 -10.12
C GLN A 12 27.20 8.17 -9.27
N ARG A 13 27.80 7.20 -8.60
CA ARG A 13 27.04 6.27 -7.77
C ARG A 13 26.94 6.68 -6.31
N ALA A 14 25.79 6.41 -5.71
CA ALA A 14 25.57 6.74 -4.30
C ALA A 14 26.59 5.92 -3.52
N GLU A 15 26.64 6.09 -2.21
CA GLU A 15 27.61 5.34 -1.41
C GLU A 15 27.01 4.51 -0.28
N GLY A 16 25.95 5.01 0.35
CA GLY A 16 25.33 4.30 1.45
C GLY A 16 24.05 3.59 1.06
N PRO A 17 23.29 3.05 2.03
CA PRO A 17 22.05 2.36 1.71
C PRO A 17 20.85 3.31 1.56
N ALA A 18 19.85 2.88 0.78
CA ALA A 18 18.66 3.69 0.57
C ALA A 18 18.03 3.97 1.93
N THR A 19 17.57 5.20 2.14
CA THR A 19 16.97 5.57 3.41
C THR A 19 15.69 6.39 3.26
N VAL A 20 14.68 6.06 4.06
CA VAL A 20 13.39 6.75 4.07
C VAL A 20 13.62 7.99 4.93
N LEU A 21 13.44 9.18 4.34
CA LEU A 21 13.68 10.45 5.03
C LEU A 21 12.43 11.24 5.45
N ALA A 22 11.29 10.93 4.85
CA ALA A 22 10.04 11.61 5.19
C ALA A 22 8.86 10.78 4.73
N ILE A 23 7.69 11.05 5.30
CA ILE A 23 6.47 10.34 4.91
C ILE A 23 5.27 11.26 5.04
N GLY A 24 4.30 11.07 4.16
CA GLY A 24 3.10 11.88 4.18
C GLY A 24 1.95 11.02 3.71
N THR A 25 0.76 11.27 4.24
CA THR A 25 -0.41 10.50 3.85
C THR A 25 -1.67 11.36 3.87
N ALA A 26 -2.63 11.00 3.02
CA ALA A 26 -3.89 11.72 2.93
C ALA A 26 -4.92 10.83 2.25
N ASN A 27 -6.20 11.02 2.56
CA ASN A 27 -7.26 10.21 1.96
C ASN A 27 -8.48 11.08 1.67
N PRO A 28 -9.48 10.51 0.97
CA PRO A 28 -10.69 11.28 0.68
C PRO A 28 -11.35 11.58 2.02
N PRO A 29 -11.72 12.84 2.27
CA PRO A 29 -12.36 13.28 3.50
C PRO A 29 -13.47 12.35 4.00
N ASN A 30 -14.27 11.84 3.07
CA ASN A 30 -15.40 10.98 3.37
C ASN A 30 -15.13 9.67 4.12
N CYS A 31 -15.42 9.65 5.41
CA CYS A 31 -15.21 8.45 6.24
C CYS A 31 -16.50 7.65 6.23
N VAL A 32 -16.39 6.35 5.93
CA VAL A 32 -17.56 5.50 5.92
C VAL A 32 -17.50 4.50 7.08
N ASP A 33 -18.54 4.50 7.91
CA ASP A 33 -18.59 3.61 9.07
C ASP A 33 -18.90 2.16 8.70
N GLN A 34 -18.09 1.26 9.23
CA GLN A 34 -18.20 -0.18 8.99
C GLN A 34 -19.42 -0.88 9.60
N SER A 35 -19.72 -0.55 10.85
CA SER A 35 -20.84 -1.18 11.56
C SER A 35 -22.21 -0.86 10.95
N THR A 36 -22.22 -0.06 9.90
CA THR A 36 -23.47 0.31 9.23
C THR A 36 -23.31 0.25 7.73
N TYR A 37 -22.21 -0.34 7.28
CA TYR A 37 -21.94 -0.42 5.85
C TYR A 37 -22.82 -1.44 5.12
N ALA A 38 -23.02 -2.61 5.71
CA ALA A 38 -23.84 -3.63 5.07
C ALA A 38 -25.18 -3.07 4.64
N ASP A 39 -25.79 -2.25 5.49
CA ASP A 39 -27.07 -1.65 5.17
C ASP A 39 -26.91 -0.62 4.05
N TYR A 40 -25.96 0.29 4.22
CA TYR A 40 -25.70 1.32 3.23
C TYR A 40 -25.47 0.70 1.85
N TYR A 41 -24.59 -0.29 1.81
CA TYR A 41 -24.24 -0.98 0.58
C TYR A 41 -25.42 -1.63 -0.11
N PHE A 42 -26.19 -2.45 0.62
CA PHE A 42 -27.34 -3.11 0.03
C PHE A 42 -28.45 -2.14 -0.34
N ARG A 43 -28.36 -0.93 0.20
CA ARG A 43 -29.35 0.11 -0.06
C ARG A 43 -29.13 0.85 -1.38
N VAL A 44 -27.91 1.35 -1.59
CA VAL A 44 -27.57 2.09 -2.80
C VAL A 44 -27.39 1.19 -4.03
N THR A 45 -27.40 -0.12 -3.79
CA THR A 45 -27.27 -1.07 -4.88
C THR A 45 -28.65 -1.62 -5.21
N ASN A 46 -29.57 -1.46 -4.27
CA ASN A 46 -30.94 -1.92 -4.41
C ASN A 46 -30.97 -3.43 -4.46
N SER A 47 -30.29 -4.04 -3.52
CA SER A 47 -30.23 -5.49 -3.42
C SER A 47 -30.88 -5.87 -2.12
N GLU A 48 -31.78 -5.00 -1.65
CA GLU A 48 -32.49 -5.24 -0.40
C GLU A 48 -33.24 -6.57 -0.34
N HIS A 49 -33.79 -7.00 -1.47
CA HIS A 49 -34.53 -8.26 -1.53
C HIS A 49 -33.64 -9.47 -1.30
N MET A 50 -32.33 -9.25 -1.31
CA MET A 50 -31.38 -10.33 -1.10
C MET A 50 -31.19 -10.62 0.38
N THR A 51 -32.27 -10.40 1.14
CA THR A 51 -32.31 -10.61 2.59
C THR A 51 -31.18 -11.46 3.19
N ASP A 52 -31.01 -12.68 2.69
CA ASP A 52 -29.98 -13.57 3.22
C ASP A 52 -28.60 -13.01 3.02
N LEU A 53 -28.26 -12.74 1.77
CA LEU A 53 -26.97 -12.20 1.41
C LEU A 53 -26.64 -10.98 2.26
N LYS A 54 -27.66 -10.19 2.60
CA LYS A 54 -27.48 -8.99 3.41
C LYS A 54 -27.00 -9.29 4.84
N LYS A 55 -27.68 -10.21 5.50
CA LYS A 55 -27.31 -10.59 6.87
C LYS A 55 -25.90 -11.15 6.77
N LYS A 56 -25.68 -12.00 5.78
CA LYS A 56 -24.40 -12.63 5.53
C LYS A 56 -23.31 -11.57 5.34
N PHE A 57 -23.69 -10.44 4.77
CA PHE A 57 -22.74 -9.37 4.54
C PHE A 57 -22.42 -8.61 5.81
N GLN A 58 -23.35 -8.57 6.75
CA GLN A 58 -23.05 -7.89 7.99
C GLN A 58 -22.10 -8.77 8.76
N ARG A 59 -22.31 -10.08 8.69
CA ARG A 59 -21.45 -11.03 9.37
C ARG A 59 -20.02 -10.72 8.91
N ILE A 60 -19.83 -10.68 7.59
CA ILE A 60 -18.53 -10.39 6.98
C ILE A 60 -17.97 -9.07 7.47
N CYS A 61 -18.76 -8.01 7.32
CA CYS A 61 -18.33 -6.69 7.76
C CYS A 61 -17.93 -6.67 9.23
N GLU A 62 -18.62 -7.42 10.07
CA GLU A 62 -18.28 -7.46 11.49
C GLU A 62 -16.89 -8.04 11.69
N ARG A 63 -16.74 -9.33 11.38
CA ARG A 63 -15.45 -9.99 11.55
C ARG A 63 -14.35 -9.34 10.71
N THR A 64 -14.68 -8.25 10.04
CA THR A 64 -13.72 -7.56 9.19
C THR A 64 -12.53 -7.02 9.95
N GLN A 65 -12.76 -6.56 11.18
CA GLN A 65 -11.69 -6.01 12.00
C GLN A 65 -11.40 -4.56 11.53
N ILE A 66 -12.32 -4.02 10.74
CA ILE A 66 -12.20 -2.66 10.22
C ILE A 66 -13.33 -1.80 10.82
N LYS A 67 -12.97 -0.62 11.30
CA LYS A 67 -13.95 0.27 11.92
C LYS A 67 -14.26 1.46 11.04
N ASN A 68 -13.31 1.85 10.20
CA ASN A 68 -13.48 3.01 9.34
C ASN A 68 -12.73 2.84 8.03
N ARG A 69 -13.17 3.57 7.01
CA ARG A 69 -12.54 3.55 5.68
C ARG A 69 -12.86 4.83 4.94
N HIS A 70 -11.84 5.48 4.39
CA HIS A 70 -12.08 6.70 3.64
C HIS A 70 -12.46 6.30 2.22
N MET A 71 -13.48 6.95 1.66
CA MET A 71 -13.92 6.64 0.30
C MET A 71 -14.34 7.86 -0.49
N TYR A 72 -13.79 7.98 -1.70
CA TYR A 72 -14.12 9.08 -2.60
C TYR A 72 -15.59 8.95 -2.98
N LEU A 73 -15.96 7.74 -3.40
CA LEU A 73 -17.32 7.44 -3.79
C LEU A 73 -18.30 7.78 -2.68
N THR A 74 -19.28 8.60 -3.00
CA THR A 74 -20.30 9.00 -2.05
C THR A 74 -21.67 8.53 -2.52
N GLU A 75 -22.63 8.51 -1.61
CA GLU A 75 -23.98 8.08 -1.97
C GLU A 75 -24.53 8.96 -3.07
N GLU A 76 -23.89 10.10 -3.29
CA GLU A 76 -24.35 11.01 -4.33
C GLU A 76 -23.71 10.56 -5.63
N ILE A 77 -22.40 10.42 -5.62
CA ILE A 77 -21.64 9.99 -6.78
C ILE A 77 -22.16 8.64 -7.29
N LEU A 78 -22.68 7.83 -6.38
CA LEU A 78 -23.21 6.53 -6.76
C LEU A 78 -24.57 6.66 -7.43
N LYS A 79 -25.28 7.73 -7.12
CA LYS A 79 -26.58 7.97 -7.72
C LYS A 79 -26.44 8.34 -9.19
N GLU A 80 -25.51 9.25 -9.47
CA GLU A 80 -25.26 9.71 -10.83
C GLU A 80 -24.56 8.61 -11.62
N ASN A 81 -24.32 7.48 -10.98
CA ASN A 81 -23.63 6.39 -11.66
C ASN A 81 -24.26 5.02 -11.40
N PRO A 82 -25.46 4.80 -11.96
CA PRO A 82 -26.19 3.54 -11.82
C PRO A 82 -25.38 2.33 -12.27
N ASN A 83 -24.63 2.48 -13.36
CA ASN A 83 -23.82 1.36 -13.87
C ASN A 83 -22.76 0.86 -12.89
N MET A 84 -22.42 1.69 -11.92
CA MET A 84 -21.42 1.33 -10.94
C MET A 84 -22.02 0.66 -9.71
N CYS A 85 -23.33 0.77 -9.56
CA CYS A 85 -24.02 0.17 -8.41
C CYS A 85 -24.45 -1.24 -8.77
N ALA A 86 -24.56 -1.50 -10.06
CA ALA A 86 -24.97 -2.80 -10.54
C ALA A 86 -23.79 -3.75 -10.34
N TYR A 87 -24.09 -5.03 -10.29
CA TYR A 87 -23.04 -6.03 -10.14
C TYR A 87 -22.09 -5.90 -11.31
N LYS A 88 -22.59 -6.20 -12.50
CA LYS A 88 -21.82 -6.12 -13.73
C LYS A 88 -22.58 -5.26 -14.72
N ALA A 89 -22.01 -4.13 -15.08
CA ALA A 89 -22.63 -3.23 -16.04
C ALA A 89 -21.55 -2.33 -16.62
N PRO A 90 -21.60 -2.07 -17.95
CA PRO A 90 -20.61 -1.22 -18.61
C PRO A 90 -20.41 0.10 -17.87
N SER A 91 -19.22 0.27 -17.31
CA SER A 91 -18.91 1.45 -16.54
C SER A 91 -17.43 1.78 -16.48
N LEU A 92 -16.63 1.06 -17.26
CA LEU A 92 -15.17 1.26 -17.27
C LEU A 92 -14.80 2.74 -17.44
N ASP A 93 -15.41 3.39 -18.43
CA ASP A 93 -15.12 4.79 -18.71
C ASP A 93 -15.38 5.71 -17.52
N ALA A 94 -16.53 5.56 -16.86
CA ALA A 94 -16.84 6.41 -15.72
C ALA A 94 -15.85 6.21 -14.56
N ARG A 95 -15.61 4.95 -14.22
CA ARG A 95 -14.69 4.58 -13.15
C ARG A 95 -13.28 5.12 -13.40
N GLU A 96 -12.79 4.93 -14.63
CA GLU A 96 -11.47 5.41 -14.99
C GLU A 96 -11.34 6.92 -14.87
N ASP A 97 -12.38 7.64 -15.28
CA ASP A 97 -12.35 9.10 -15.20
C ASP A 97 -12.27 9.64 -13.76
N MET A 98 -12.85 8.90 -12.82
CA MET A 98 -12.81 9.31 -11.42
C MET A 98 -11.41 8.95 -10.93
N MET A 99 -10.98 7.76 -11.33
CA MET A 99 -9.67 7.20 -11.00
C MET A 99 -8.56 8.15 -11.42
N ILE A 100 -8.62 8.58 -12.68
CA ILE A 100 -7.66 9.49 -13.27
C ILE A 100 -7.67 10.88 -12.63
N ARG A 101 -8.85 11.36 -12.27
CA ARG A 101 -8.96 12.69 -11.68
C ARG A 101 -8.57 12.69 -10.22
N GLU A 102 -9.14 11.74 -9.48
CA GLU A 102 -8.90 11.61 -8.05
C GLU A 102 -7.57 11.04 -7.61
N VAL A 103 -7.05 10.05 -8.34
CA VAL A 103 -5.78 9.43 -7.96
C VAL A 103 -4.61 10.41 -7.81
N PRO A 104 -4.30 11.19 -8.87
CA PRO A 104 -3.20 12.15 -8.81
C PRO A 104 -3.47 13.23 -7.78
N ARG A 105 -4.74 13.62 -7.70
CA ARG A 105 -5.18 14.66 -6.80
C ARG A 105 -4.81 14.35 -5.35
N VAL A 106 -5.18 13.16 -4.88
CA VAL A 106 -4.89 12.76 -3.52
C VAL A 106 -3.42 12.46 -3.33
N GLY A 107 -2.78 11.95 -4.39
CA GLY A 107 -1.36 11.63 -4.32
C GLY A 107 -0.55 12.88 -4.04
N LYS A 108 -0.99 14.00 -4.61
CA LYS A 108 -0.32 15.28 -4.43
C LYS A 108 -0.44 15.80 -3.00
N GLU A 109 -1.58 15.55 -2.37
CA GLU A 109 -1.81 15.99 -1.00
C GLU A 109 -0.84 15.26 -0.08
N ALA A 110 -0.64 13.98 -0.38
CA ALA A 110 0.28 13.16 0.40
C ALA A 110 1.70 13.62 0.19
N ALA A 111 2.04 13.93 -1.06
CA ALA A 111 3.37 14.39 -1.43
C ALA A 111 3.75 15.71 -0.76
N THR A 112 2.84 16.66 -0.80
CA THR A 112 3.08 17.97 -0.18
C THR A 112 3.51 17.83 1.27
N LYS A 113 2.79 17.01 2.01
CA LYS A 113 3.05 16.77 3.42
C LYS A 113 4.42 16.14 3.62
N ALA A 114 4.77 15.20 2.75
CA ALA A 114 6.05 14.51 2.79
C ALA A 114 7.17 15.50 2.50
N ILE A 115 7.01 16.27 1.43
CA ILE A 115 7.99 17.27 1.04
C ILE A 115 8.15 18.36 2.07
N LYS A 116 7.06 18.75 2.72
CA LYS A 116 7.16 19.77 3.74
C LYS A 116 8.06 19.24 4.85
N GLU A 117 7.83 17.99 5.24
CA GLU A 117 8.63 17.35 6.28
C GLU A 117 10.09 17.30 5.86
N TRP A 118 10.36 16.66 4.73
CA TRP A 118 11.70 16.55 4.19
C TRP A 118 12.44 17.89 4.28
N GLY A 119 11.71 18.97 4.06
CA GLY A 119 12.30 20.30 4.14
C GLY A 119 13.09 20.76 2.94
N GLN A 120 13.35 19.88 1.98
CA GLN A 120 14.12 20.26 0.79
C GLN A 120 13.24 20.78 -0.34
N PRO A 121 13.87 21.43 -1.34
CA PRO A 121 13.14 21.98 -2.49
C PRO A 121 12.73 20.84 -3.42
N MET A 122 11.58 20.97 -4.07
CA MET A 122 11.14 19.93 -4.99
C MET A 122 12.19 19.66 -6.06
N SER A 123 12.82 20.74 -6.52
CA SER A 123 13.85 20.68 -7.55
C SER A 123 14.82 19.51 -7.33
N LYS A 124 15.02 19.15 -6.07
CA LYS A 124 15.93 18.06 -5.72
C LYS A 124 15.40 16.64 -5.98
N ILE A 125 14.10 16.51 -6.23
CA ILE A 125 13.52 15.21 -6.51
C ILE A 125 13.98 14.80 -7.90
N THR A 126 14.75 13.72 -7.95
CA THR A 126 15.32 13.24 -9.19
C THR A 126 14.49 12.15 -9.88
N HIS A 127 13.83 11.32 -9.09
CA HIS A 127 13.01 10.23 -9.62
C HIS A 127 11.59 10.31 -9.08
N LEU A 128 10.65 9.67 -9.78
CA LEU A 128 9.26 9.66 -9.36
C LEU A 128 8.70 8.25 -9.62
N ILE A 129 8.16 7.63 -8.58
CA ILE A 129 7.57 6.30 -8.71
C ILE A 129 6.10 6.44 -8.37
N PHE A 130 5.21 6.34 -9.36
CA PHE A 130 3.80 6.47 -9.08
C PHE A 130 3.17 5.08 -9.17
N CYS A 131 2.61 4.62 -8.06
CA CYS A 131 1.99 3.31 -8.00
C CYS A 131 0.51 3.32 -7.68
N THR A 132 -0.31 3.06 -8.69
CA THR A 132 -1.74 3.03 -8.52
C THR A 132 -2.31 1.75 -9.10
N THR A 133 -3.47 1.33 -8.61
CA THR A 133 -4.11 0.13 -9.11
C THR A 133 -4.66 0.36 -10.51
N SER A 134 -5.06 1.60 -10.82
CA SER A 134 -5.55 1.90 -12.17
C SER A 134 -5.72 3.39 -12.46
N GLY A 135 -6.37 3.70 -13.57
CA GLY A 135 -6.56 5.08 -13.99
C GLY A 135 -5.64 5.27 -15.19
N VAL A 136 -5.91 4.48 -16.22
CA VAL A 136 -5.09 4.48 -17.44
C VAL A 136 -5.33 5.64 -18.40
N ALA A 137 -4.27 6.40 -18.67
CA ALA A 137 -4.30 7.53 -19.60
C ALA A 137 -2.87 7.77 -20.06
N LEU A 138 -2.71 8.31 -21.27
CA LEU A 138 -1.39 8.58 -21.80
C LEU A 138 -1.31 10.03 -22.29
N PRO A 139 -0.44 10.86 -21.67
CA PRO A 139 0.46 10.52 -20.55
C PRO A 139 -0.29 10.05 -19.29
N GLY A 140 0.37 9.21 -18.50
CA GLY A 140 -0.25 8.67 -17.30
C GLY A 140 -0.40 9.56 -16.09
N VAL A 141 -0.98 8.98 -15.05
CA VAL A 141 -1.21 9.63 -13.78
C VAL A 141 0.03 10.34 -13.23
N ASP A 142 1.21 9.75 -13.45
CA ASP A 142 2.46 10.34 -12.97
C ASP A 142 2.61 11.73 -13.61
N TYR A 143 2.33 11.81 -14.90
CA TYR A 143 2.41 13.07 -15.63
C TYR A 143 1.62 14.15 -14.88
N GLU A 144 0.37 13.85 -14.58
CA GLU A 144 -0.49 14.78 -13.88
C GLU A 144 0.13 15.20 -12.55
N LEU A 145 0.69 14.23 -11.82
CA LEU A 145 1.32 14.49 -10.53
C LEU A 145 2.45 15.49 -10.71
N ILE A 146 3.25 15.32 -11.75
CA ILE A 146 4.35 16.25 -12.02
C ILE A 146 3.79 17.66 -12.15
N VAL A 147 2.74 17.80 -12.95
CA VAL A 147 2.12 19.11 -13.13
C VAL A 147 1.60 19.65 -11.80
N LEU A 148 0.57 18.99 -11.25
CA LEU A 148 0.00 19.42 -9.98
C LEU A 148 1.04 19.84 -8.97
N LEU A 149 2.04 19.00 -8.78
CA LEU A 149 3.09 19.25 -7.81
C LEU A 149 4.16 20.26 -8.27
N GLY A 150 4.36 20.37 -9.58
CA GLY A 150 5.35 21.29 -10.10
C GLY A 150 6.76 20.71 -10.05
N LEU A 151 6.88 19.39 -10.25
CA LEU A 151 8.18 18.72 -10.26
C LEU A 151 9.01 19.17 -11.45
N ASP A 152 10.28 18.77 -11.48
CA ASP A 152 11.15 19.16 -12.59
C ASP A 152 10.76 18.41 -13.86
N PRO A 153 10.91 19.07 -15.02
CA PRO A 153 10.54 18.38 -16.27
C PRO A 153 11.48 17.24 -16.67
N SER A 154 12.54 17.02 -15.90
CA SER A 154 13.48 15.95 -16.21
C SER A 154 13.53 14.85 -15.15
N VAL A 155 12.53 14.82 -14.28
CA VAL A 155 12.44 13.80 -13.24
C VAL A 155 12.22 12.47 -13.95
N LYS A 156 13.01 11.46 -13.60
CA LYS A 156 12.86 10.15 -14.19
C LYS A 156 11.65 9.48 -13.56
N ARG A 157 10.68 9.14 -14.41
CA ARG A 157 9.41 8.55 -13.99
C ARG A 157 9.34 7.03 -14.12
N TYR A 158 8.52 6.43 -13.26
CA TYR A 158 8.32 4.98 -13.24
C TYR A 158 6.85 4.70 -12.93
N MET A 159 6.03 4.60 -13.96
CA MET A 159 4.59 4.36 -13.83
C MET A 159 4.18 2.90 -13.56
N MET A 160 3.98 2.57 -12.28
CA MET A 160 3.60 1.21 -11.91
C MET A 160 2.09 1.06 -11.88
N TYR A 161 1.53 0.50 -12.95
CA TYR A 161 0.08 0.30 -13.05
C TYR A 161 -0.33 -1.13 -12.72
N HIS A 162 -1.55 -1.27 -12.20
CA HIS A 162 -2.15 -2.56 -11.87
C HIS A 162 -1.18 -3.59 -11.25
N GLN A 163 -0.48 -3.22 -10.18
CA GLN A 163 0.48 -4.14 -9.55
C GLN A 163 -0.12 -5.19 -8.61
N GLY A 164 -0.94 -4.75 -7.67
CA GLY A 164 -1.55 -5.66 -6.73
C GLY A 164 -1.27 -5.23 -5.30
N CYS A 165 -2.00 -5.79 -4.35
CA CYS A 165 -1.82 -5.44 -2.95
C CYS A 165 -0.38 -5.53 -2.43
N PHE A 166 0.49 -6.19 -3.18
CA PHE A 166 1.88 -6.34 -2.75
C PHE A 166 2.79 -5.21 -3.23
N ALA A 167 2.24 -4.30 -4.02
CA ALA A 167 3.01 -3.20 -4.58
C ALA A 167 3.74 -2.35 -3.54
N GLY A 168 3.37 -2.48 -2.27
CA GLY A 168 4.03 -1.71 -1.24
C GLY A 168 5.51 -1.99 -1.19
N GLY A 169 5.87 -3.27 -1.24
CA GLY A 169 7.27 -3.64 -1.21
C GLY A 169 7.93 -3.38 -2.56
N THR A 170 7.16 -3.52 -3.63
CA THR A 170 7.67 -3.30 -4.99
C THR A 170 8.37 -1.96 -5.11
N VAL A 171 7.67 -0.89 -4.73
CA VAL A 171 8.26 0.44 -4.80
C VAL A 171 9.55 0.54 -3.99
N LEU A 172 9.53 0.07 -2.76
CA LEU A 172 10.73 0.10 -1.94
C LEU A 172 11.86 -0.66 -2.64
N ARG A 173 11.53 -1.83 -3.18
CA ARG A 173 12.50 -2.65 -3.90
C ARG A 173 13.12 -1.83 -5.03
N LEU A 174 12.27 -1.17 -5.80
CA LEU A 174 12.70 -0.34 -6.92
C LEU A 174 13.40 0.96 -6.46
N ALA A 175 12.82 1.64 -5.47
CA ALA A 175 13.40 2.87 -4.95
C ALA A 175 14.83 2.66 -4.50
N LYS A 176 15.08 1.51 -3.87
CA LYS A 176 16.41 1.15 -3.37
C LYS A 176 17.51 1.31 -4.43
N ASP A 177 17.36 0.60 -5.54
CA ASP A 177 18.32 0.65 -6.63
C ASP A 177 18.52 2.06 -7.21
N LEU A 178 17.44 2.83 -7.30
CA LEU A 178 17.49 4.20 -7.83
C LEU A 178 18.30 5.12 -6.94
N ALA A 179 18.00 5.09 -5.65
CA ALA A 179 18.69 5.93 -4.70
C ALA A 179 20.13 5.49 -4.51
N GLU A 180 20.35 4.18 -4.40
CA GLU A 180 21.70 3.66 -4.17
C GLU A 180 22.66 3.66 -5.33
N ASN A 181 22.17 3.77 -6.56
CA ASN A 181 23.06 3.75 -7.71
C ASN A 181 23.45 5.14 -8.20
N ASN A 182 22.62 6.14 -7.91
CA ASN A 182 22.91 7.49 -8.36
C ASN A 182 23.10 8.45 -7.20
N LYS A 183 24.25 9.13 -7.18
CA LYS A 183 24.54 10.08 -6.12
C LYS A 183 23.54 11.23 -6.19
N ASP A 184 23.09 11.69 -5.03
CA ASP A 184 22.14 12.79 -4.91
C ASP A 184 20.74 12.42 -5.38
N ALA A 185 20.53 11.16 -5.72
CA ALA A 185 19.24 10.74 -6.15
C ALA A 185 18.32 10.75 -4.94
N ARG A 186 17.26 11.52 -5.06
CA ARG A 186 16.25 11.56 -4.03
C ARG A 186 14.93 11.15 -4.65
N VAL A 187 14.43 10.00 -4.28
CA VAL A 187 13.22 9.49 -4.94
C VAL A 187 11.92 9.74 -4.21
N LEU A 188 10.87 10.01 -4.99
CA LEU A 188 9.55 10.25 -4.42
C LEU A 188 8.63 9.07 -4.78
N ILE A 189 8.09 8.43 -3.75
CA ILE A 189 7.18 7.32 -3.98
C ILE A 189 5.76 7.75 -3.65
N VAL A 190 4.86 7.59 -4.60
CA VAL A 190 3.47 7.97 -4.38
C VAL A 190 2.58 6.79 -4.74
N CYS A 191 1.97 6.20 -3.72
CA CYS A 191 1.06 5.06 -3.91
C CYS A 191 -0.34 5.56 -3.64
N SER A 192 -1.11 5.83 -4.68
CA SER A 192 -2.47 6.30 -4.48
C SER A 192 -3.46 5.25 -4.96
N GLU A 193 -4.28 4.78 -4.03
CA GLU A 193 -5.27 3.77 -4.34
C GLU A 193 -6.67 4.32 -4.12
N ASN A 194 -7.56 4.04 -5.07
CA ASN A 194 -8.94 4.53 -5.01
C ASN A 194 -9.86 3.37 -5.47
N THR A 195 -10.96 3.18 -4.75
CA THR A 195 -11.90 2.10 -5.04
C THR A 195 -12.95 2.36 -6.13
N SER A 196 -12.81 3.46 -6.87
CA SER A 196 -13.80 3.75 -7.91
C SER A 196 -13.87 2.65 -8.98
N VAL A 197 -12.79 1.90 -9.13
CA VAL A 197 -12.75 0.87 -10.16
C VAL A 197 -13.18 -0.51 -9.70
N THR A 198 -13.06 -0.77 -8.40
CA THR A 198 -13.43 -2.07 -7.87
C THR A 198 -14.84 -2.19 -7.28
N PHE A 199 -15.50 -1.05 -7.08
CA PHE A 199 -16.85 -1.03 -6.52
C PHE A 199 -17.93 -1.49 -7.50
N ARG A 200 -18.89 -2.25 -6.99
CA ARG A 200 -19.99 -2.73 -7.79
C ARG A 200 -21.05 -3.33 -6.88
N GLY A 201 -22.18 -3.75 -7.46
CA GLY A 201 -23.24 -4.34 -6.66
C GLY A 201 -23.00 -5.79 -6.29
N PRO A 202 -23.83 -6.37 -5.42
CA PRO A 202 -23.69 -7.76 -5.00
C PRO A 202 -24.24 -8.80 -5.99
N SER A 203 -23.67 -9.99 -5.94
CA SER A 203 -24.07 -11.10 -6.79
C SER A 203 -24.25 -12.32 -5.92
N GLU A 204 -25.44 -12.92 -5.96
CA GLU A 204 -25.70 -14.12 -5.15
C GLU A 204 -24.66 -15.22 -5.44
N THR A 205 -24.02 -15.14 -6.59
CA THR A 205 -23.04 -16.15 -7.00
C THR A 205 -21.59 -15.71 -6.83
N ASP A 206 -21.35 -14.40 -6.80
CA ASP A 206 -19.99 -13.88 -6.66
C ASP A 206 -19.68 -13.43 -5.24
N MET A 207 -19.22 -14.36 -4.41
CA MET A 207 -18.89 -14.02 -3.03
C MET A 207 -17.54 -13.32 -2.92
N ASP A 208 -16.52 -13.86 -3.56
CA ASP A 208 -15.21 -13.23 -3.51
C ASP A 208 -15.36 -11.72 -3.68
N SER A 209 -16.16 -11.32 -4.67
CA SER A 209 -16.40 -9.91 -4.95
C SER A 209 -17.13 -9.22 -3.80
N LEU A 210 -18.06 -9.93 -3.17
CA LEU A 210 -18.79 -9.35 -2.05
C LEU A 210 -17.86 -9.10 -0.87
N VAL A 211 -16.84 -9.93 -0.71
CA VAL A 211 -15.90 -9.75 0.40
C VAL A 211 -14.98 -8.55 0.21
N GLY A 212 -14.64 -8.24 -1.04
CA GLY A 212 -13.77 -7.11 -1.30
C GLY A 212 -14.47 -5.79 -1.01
N GLN A 213 -15.78 -5.75 -1.16
CA GLN A 213 -16.55 -4.53 -0.89
C GLN A 213 -16.46 -4.13 0.58
N ALA A 214 -16.11 -5.10 1.42
CA ALA A 214 -16.02 -4.86 2.85
C ALA A 214 -14.59 -4.59 3.27
N LEU A 215 -13.67 -4.64 2.32
CA LEU A 215 -12.25 -4.42 2.63
C LEU A 215 -11.60 -3.16 2.06
N PHE A 216 -11.53 -3.11 0.74
CA PHE A 216 -10.89 -2.00 0.03
C PHE A 216 -11.32 -0.58 0.39
N ALA A 217 -10.33 0.27 0.66
CA ALA A 217 -10.56 1.66 1.02
C ALA A 217 -9.67 2.59 0.19
N ASP A 218 -9.80 3.90 0.41
CA ASP A 218 -9.02 4.92 -0.31
C ASP A 218 -7.90 5.53 0.53
N GLY A 219 -6.90 6.10 -0.14
CA GLY A 219 -5.80 6.72 0.58
C GLY A 219 -4.45 6.67 -0.12
N ALA A 220 -3.71 7.77 -0.07
CA ALA A 220 -2.39 7.86 -0.70
C ALA A 220 -1.28 8.02 0.33
N ALA A 221 -0.04 7.84 -0.10
CA ALA A 221 1.13 7.96 0.77
C ALA A 221 2.36 8.32 -0.04
N ALA A 222 3.08 9.35 0.40
CA ALA A 222 4.28 9.79 -0.29
C ALA A 222 5.52 9.52 0.56
N ILE A 223 6.56 8.92 -0.03
CA ILE A 223 7.77 8.58 0.71
C ILE A 223 9.01 9.12 0.05
N ILE A 224 9.82 9.88 0.75
CA ILE A 224 11.05 10.41 0.18
C ILE A 224 12.15 9.37 0.50
N ILE A 225 12.89 8.90 -0.50
CA ILE A 225 13.95 7.92 -0.29
C ILE A 225 15.25 8.37 -0.95
N GLY A 226 16.37 8.20 -0.24
CA GLY A 226 17.63 8.60 -0.81
C GLY A 226 18.83 8.09 -0.02
N SER A 227 19.91 7.78 -0.73
CA SER A 227 21.13 7.30 -0.07
C SER A 227 22.01 8.48 0.36
N ASP A 228 22.80 8.26 1.40
CA ASP A 228 23.71 9.27 1.92
C ASP A 228 22.96 10.53 2.39
N PRO A 229 22.33 10.38 3.54
CA PRO A 229 21.59 11.43 4.25
C PRO A 229 22.40 12.69 4.56
N VAL A 230 21.92 13.89 4.25
CA VAL A 230 22.71 15.06 4.60
C VAL A 230 22.59 15.31 6.13
N PRO A 231 23.75 15.38 6.78
CA PRO A 231 23.70 15.60 8.21
C PRO A 231 22.80 16.76 8.69
N GLU A 232 21.98 16.50 9.68
CA GLU A 232 21.19 17.63 10.22
C GLU A 232 20.07 18.13 9.34
N VAL A 233 20.31 18.27 8.08
CA VAL A 233 19.32 18.78 7.17
C VAL A 233 18.24 17.75 6.92
N GLU A 234 18.71 16.59 6.60
CA GLU A 234 17.83 15.47 6.35
C GLU A 234 17.80 14.60 7.59
N ASN A 235 16.70 13.92 7.79
CA ASN A 235 16.52 13.08 8.92
C ASN A 235 16.13 11.69 8.33
N PRO A 236 17.03 10.70 8.51
CA PRO A 236 16.73 9.30 8.19
C PRO A 236 15.78 8.66 9.19
N LEU A 237 14.82 7.89 8.69
CA LEU A 237 13.83 7.23 9.54
C LEU A 237 14.01 5.71 9.55
N PHE A 238 14.31 5.15 8.38
CA PHE A 238 14.49 3.71 8.21
C PHE A 238 15.45 3.50 7.04
N GLU A 239 16.16 2.38 7.03
CA GLU A 239 17.08 2.10 5.91
C GLU A 239 16.61 0.82 5.21
N ILE A 240 16.66 0.80 3.89
CA ILE A 240 16.26 -0.40 3.16
C ILE A 240 17.51 -1.28 3.16
N VAL A 241 17.43 -2.44 3.81
CA VAL A 241 18.58 -3.33 3.87
C VAL A 241 18.59 -4.35 2.73
N SER A 242 17.47 -5.03 2.54
CA SER A 242 17.35 -6.02 1.47
C SER A 242 15.91 -6.09 1.04
N THR A 243 15.67 -6.57 -0.19
CA THR A 243 14.32 -6.68 -0.73
C THR A 243 14.15 -7.82 -1.71
N ASP A 244 13.43 -8.87 -1.31
CA ASP A 244 13.20 -10.02 -2.18
C ASP A 244 11.75 -10.13 -2.60
N GLN A 245 11.53 -10.81 -3.71
CA GLN A 245 10.19 -11.03 -4.21
C GLN A 245 10.09 -12.53 -4.42
N GLN A 246 8.89 -13.07 -4.31
CA GLN A 246 8.74 -14.51 -4.44
C GLN A 246 7.36 -14.95 -4.88
N LEU A 247 7.33 -15.96 -5.76
CA LEU A 247 6.08 -16.52 -6.27
C LEU A 247 5.82 -17.89 -5.64
N VAL A 248 4.70 -18.02 -4.96
CA VAL A 248 4.35 -19.28 -4.34
C VAL A 248 3.67 -20.17 -5.40
N PRO A 249 4.19 -21.39 -5.60
CA PRO A 249 3.65 -22.35 -6.58
C PRO A 249 2.19 -22.67 -6.27
N ASN A 250 1.37 -22.80 -7.32
CA ASN A 250 -0.06 -23.06 -7.16
C ASN A 250 -0.63 -21.90 -6.37
N SER A 251 -0.70 -20.74 -7.00
CA SER A 251 -1.19 -19.55 -6.33
C SER A 251 -2.04 -18.64 -7.18
N HIS A 252 -1.79 -18.63 -8.49
CA HIS A 252 -2.51 -17.77 -9.41
C HIS A 252 -4.01 -17.62 -9.13
N GLY A 253 -4.66 -18.72 -8.78
CA GLY A 253 -6.09 -18.67 -8.51
C GLY A 253 -6.47 -18.08 -7.16
N ALA A 254 -5.47 -17.78 -6.33
CA ALA A 254 -5.70 -17.24 -5.00
C ALA A 254 -6.17 -15.80 -5.05
N ILE A 255 -5.31 -14.90 -5.54
CA ILE A 255 -5.62 -13.49 -5.66
C ILE A 255 -5.43 -13.05 -7.10
N GLY A 256 -6.33 -12.21 -7.59
CA GLY A 256 -6.19 -11.75 -8.96
C GLY A 256 -7.37 -10.96 -9.45
N GLY A 257 -7.41 -10.70 -10.75
CA GLY A 257 -8.49 -9.95 -11.33
C GLY A 257 -8.19 -9.52 -12.75
N LEU A 258 -9.19 -9.00 -13.44
CA LEU A 258 -9.03 -8.52 -14.80
C LEU A 258 -9.65 -7.14 -14.97
N LEU A 259 -9.17 -6.40 -15.96
CA LEU A 259 -9.75 -5.09 -16.23
C LEU A 259 -10.80 -5.35 -17.29
N ARG A 260 -12.07 -5.23 -16.92
CA ARG A 260 -13.16 -5.45 -17.87
C ARG A 260 -13.92 -4.16 -18.11
N GLU A 261 -14.90 -4.24 -19.01
CA GLU A 261 -15.73 -3.10 -19.35
C GLU A 261 -16.65 -2.75 -18.18
N VAL A 262 -16.67 -3.59 -17.16
CA VAL A 262 -17.51 -3.35 -16.00
C VAL A 262 -16.67 -2.97 -14.79
N GLY A 263 -15.45 -2.50 -15.06
CA GLY A 263 -14.55 -2.10 -14.00
C GLY A 263 -13.55 -3.19 -13.69
N LEU A 264 -12.86 -3.06 -12.57
CA LEU A 264 -11.88 -4.07 -12.20
C LEU A 264 -12.56 -5.19 -11.43
N THR A 265 -12.48 -6.39 -11.97
CA THR A 265 -13.06 -7.57 -11.35
C THR A 265 -11.94 -8.21 -10.53
N PHE A 266 -12.28 -9.00 -9.52
CA PHE A 266 -11.24 -9.62 -8.70
C PHE A 266 -11.70 -10.84 -7.93
N TYR A 267 -10.78 -11.76 -7.69
CA TYR A 267 -11.07 -12.95 -6.93
C TYR A 267 -10.13 -13.04 -5.75
N LEU A 268 -10.65 -13.53 -4.63
CA LEU A 268 -9.90 -13.67 -3.39
C LEU A 268 -10.27 -15.02 -2.80
N ASN A 269 -9.41 -16.00 -3.01
CA ASN A 269 -9.65 -17.37 -2.52
C ASN A 269 -9.38 -17.50 -1.03
N LYS A 270 -10.30 -18.13 -0.31
CA LYS A 270 -10.20 -18.34 1.12
C LYS A 270 -8.89 -18.93 1.61
N SER A 271 -8.20 -19.65 0.74
CA SER A 271 -6.95 -20.28 1.13
C SER A 271 -5.77 -19.33 1.26
N VAL A 272 -6.00 -18.03 1.10
CA VAL A 272 -4.89 -17.09 1.19
C VAL A 272 -4.14 -17.05 2.52
N PRO A 273 -4.84 -16.87 3.65
CA PRO A 273 -4.13 -16.82 4.93
C PRO A 273 -3.20 -18.03 5.08
N ASP A 274 -3.64 -19.17 4.56
CA ASP A 274 -2.87 -20.40 4.61
C ASP A 274 -1.63 -20.31 3.74
N ILE A 275 -1.84 -19.98 2.48
CA ILE A 275 -0.75 -19.85 1.51
C ILE A 275 0.35 -18.99 2.12
N ILE A 276 -0.01 -17.83 2.63
CA ILE A 276 0.97 -16.96 3.25
C ILE A 276 1.63 -17.67 4.43
N SER A 277 0.82 -18.03 5.42
CA SER A 277 1.33 -18.70 6.61
C SER A 277 2.27 -19.84 6.33
N GLN A 278 1.96 -20.63 5.30
CA GLN A 278 2.77 -21.78 4.95
C GLN A 278 3.90 -21.50 3.97
N ASN A 279 4.27 -20.23 3.84
CA ASN A 279 5.32 -19.83 2.93
C ASN A 279 6.05 -18.62 3.50
N ILE A 280 5.47 -18.08 4.57
CA ILE A 280 6.01 -16.91 5.21
C ILE A 280 7.31 -17.19 5.93
N ASN A 281 7.51 -18.40 6.43
CA ASN A 281 8.75 -18.69 7.14
C ASN A 281 9.95 -18.72 6.23
N ASP A 282 9.82 -19.36 5.08
CA ASP A 282 10.92 -19.46 4.13
C ASP A 282 11.45 -18.07 3.77
N ALA A 283 10.53 -17.14 3.52
CA ALA A 283 10.90 -15.78 3.17
C ALA A 283 11.60 -15.14 4.35
N LEU A 284 11.07 -15.37 5.54
CA LEU A 284 11.65 -14.83 6.76
C LEU A 284 13.08 -15.28 6.90
N SER A 285 13.30 -16.58 6.92
CA SER A 285 14.65 -17.08 7.05
C SER A 285 15.54 -16.57 5.91
N LYS A 286 15.05 -16.67 4.68
CA LYS A 286 15.83 -16.21 3.55
C LYS A 286 16.41 -14.82 3.79
N ALA A 287 15.62 -13.92 4.41
CA ALA A 287 16.04 -12.53 4.64
C ALA A 287 16.64 -12.22 5.99
N PHE A 288 16.47 -13.09 6.96
CA PHE A 288 17.07 -12.77 8.27
C PHE A 288 18.21 -13.70 8.62
N ASP A 289 18.37 -14.81 7.92
CA ASP A 289 19.46 -15.72 8.24
C ASP A 289 20.79 -15.02 7.98
N PRO A 290 20.91 -14.38 6.80
CA PRO A 290 22.14 -13.67 6.46
C PRO A 290 22.52 -12.64 7.52
N LEU A 291 21.57 -12.28 8.38
CA LEU A 291 21.79 -11.29 9.43
C LEU A 291 21.77 -11.85 10.85
N GLY A 292 21.86 -13.16 10.98
CA GLY A 292 21.86 -13.76 12.30
C GLY A 292 20.61 -13.58 13.15
N ILE A 293 19.47 -13.30 12.52
CA ILE A 293 18.22 -13.13 13.26
C ILE A 293 17.38 -14.42 13.17
N SER A 294 17.01 -14.97 14.32
CA SER A 294 16.21 -16.19 14.39
C SER A 294 14.92 -15.97 15.15
N ASP A 295 14.95 -15.01 16.06
CA ASP A 295 13.79 -14.66 16.87
C ASP A 295 13.04 -13.56 16.10
N TYR A 296 11.87 -13.89 15.59
CA TYR A 296 11.11 -12.93 14.81
C TYR A 296 10.28 -12.03 15.69
N ASN A 297 10.60 -12.03 16.98
CA ASN A 297 9.91 -11.20 17.95
C ASN A 297 10.91 -10.14 18.40
N SER A 298 12.16 -10.33 18.00
CA SER A 298 13.24 -9.40 18.35
C SER A 298 13.30 -8.27 17.36
N ILE A 299 12.40 -8.32 16.38
CA ILE A 299 12.33 -7.33 15.34
C ILE A 299 10.93 -6.74 15.27
N PHE A 300 10.81 -5.53 14.72
CA PHE A 300 9.49 -4.93 14.57
C PHE A 300 8.87 -5.45 13.27
N TRP A 301 7.55 -5.34 13.15
CA TRP A 301 6.85 -5.83 11.98
C TRP A 301 5.96 -4.80 11.34
N ILE A 302 5.84 -4.89 10.02
CA ILE A 302 4.97 -4.04 9.21
C ILE A 302 4.44 -4.96 8.11
N ALA A 303 3.25 -5.52 8.32
CA ALA A 303 2.70 -6.43 7.32
C ALA A 303 1.51 -5.84 6.57
N HIS A 304 1.39 -6.20 5.29
CA HIS A 304 0.29 -5.68 4.51
C HIS A 304 -0.99 -6.25 5.10
N PRO A 305 -1.91 -5.39 5.55
CA PRO A 305 -3.18 -5.83 6.15
C PRO A 305 -4.20 -6.31 5.11
N GLY A 306 -3.82 -7.31 4.33
CA GLY A 306 -4.72 -7.83 3.31
C GLY A 306 -6.05 -8.28 3.91
N GLY A 307 -6.01 -8.63 5.19
CA GLY A 307 -7.20 -9.09 5.88
C GLY A 307 -6.81 -9.51 7.29
N ARG A 308 -7.78 -9.56 8.20
CA ARG A 308 -7.47 -9.96 9.57
C ARG A 308 -6.98 -11.40 9.63
N ALA A 309 -7.68 -12.29 8.94
CA ALA A 309 -7.33 -13.72 8.91
C ALA A 309 -5.84 -13.93 8.56
N ILE A 310 -5.33 -13.17 7.60
CA ILE A 310 -3.93 -13.28 7.21
C ILE A 310 -3.06 -12.92 8.40
N LEU A 311 -3.42 -11.86 9.10
CA LEU A 311 -2.68 -11.42 10.27
C LEU A 311 -2.72 -12.48 11.36
N ASP A 312 -3.90 -13.03 11.63
CA ASP A 312 -4.04 -14.06 12.64
C ASP A 312 -3.17 -15.29 12.30
N GLN A 313 -3.25 -15.76 11.07
CA GLN A 313 -2.48 -16.92 10.60
C GLN A 313 -0.96 -16.75 10.64
N VAL A 314 -0.47 -15.61 10.20
CA VAL A 314 0.97 -15.37 10.20
C VAL A 314 1.45 -15.28 11.64
N GLU A 315 0.68 -14.59 12.46
CA GLU A 315 1.00 -14.43 13.86
C GLU A 315 1.04 -15.79 14.54
N GLU A 316 0.09 -16.64 14.17
CA GLU A 316 -0.04 -17.97 14.73
C GLU A 316 1.09 -18.90 14.28
N LYS A 317 1.48 -18.80 13.01
CA LYS A 317 2.52 -19.64 12.46
C LYS A 317 3.88 -19.23 13.01
N VAL A 318 4.22 -17.96 12.84
CA VAL A 318 5.49 -17.42 13.30
C VAL A 318 5.58 -17.27 14.83
N ASN A 319 4.44 -17.37 15.51
CA ASN A 319 4.38 -17.28 16.97
C ASN A 319 4.78 -15.92 17.53
N LEU A 320 4.16 -14.87 17.01
CA LEU A 320 4.46 -13.50 17.42
C LEU A 320 3.63 -13.03 18.61
N LYS A 321 4.27 -12.31 19.55
CA LYS A 321 3.48 -11.73 20.62
C LYS A 321 2.36 -10.95 19.93
N PRO A 322 1.26 -10.67 20.68
CA PRO A 322 0.12 -9.94 20.07
C PRO A 322 0.47 -8.65 19.42
N GLU A 323 1.20 -7.94 20.23
CA GLU A 323 1.64 -6.59 19.94
C GLU A 323 2.33 -6.39 18.62
N LYS A 324 3.14 -7.35 18.19
CA LYS A 324 3.87 -7.23 16.94
C LYS A 324 2.99 -6.72 15.81
N MET A 325 1.75 -7.17 15.80
CA MET A 325 0.79 -6.80 14.77
C MET A 325 -0.14 -5.67 15.22
N LYS A 326 0.17 -5.03 16.36
CA LYS A 326 -0.67 -3.96 16.89
C LYS A 326 -0.76 -2.75 15.95
N ALA A 327 0.38 -2.31 15.44
CA ALA A 327 0.39 -1.18 14.52
C ALA A 327 -0.36 -1.58 13.26
N THR A 328 0.09 -2.65 12.62
CA THR A 328 -0.55 -3.14 11.40
C THR A 328 -2.08 -3.23 11.49
N ARG A 329 -2.59 -3.83 12.56
CA ARG A 329 -4.05 -3.96 12.75
C ARG A 329 -4.68 -2.60 12.99
N ASP A 330 -3.94 -1.74 13.67
CA ASP A 330 -4.41 -0.39 13.99
C ASP A 330 -4.75 0.39 12.73
N VAL A 331 -3.92 0.27 11.71
CA VAL A 331 -4.16 0.97 10.44
C VAL A 331 -5.38 0.34 9.75
N LEU A 332 -5.43 -0.99 9.73
CA LEU A 332 -6.54 -1.70 9.11
C LEU A 332 -7.89 -1.28 9.68
N SER A 333 -7.93 -1.06 10.99
CA SER A 333 -9.14 -0.66 11.66
C SER A 333 -9.63 0.74 11.32
N ASN A 334 -8.70 1.68 11.12
CA ASN A 334 -9.07 3.05 10.82
C ASN A 334 -9.10 3.42 9.36
N TYR A 335 -8.47 2.59 8.52
CA TYR A 335 -8.39 2.86 7.09
C TYR A 335 -8.83 1.73 6.18
N GLY A 336 -8.70 0.50 6.65
CA GLY A 336 -9.07 -0.63 5.81
C GLY A 336 -7.93 -0.97 4.88
N ASN A 337 -8.22 -1.69 3.81
CA ASN A 337 -7.19 -2.10 2.86
C ASN A 337 -7.04 -1.20 1.64
N MET A 338 -6.18 -0.19 1.79
CA MET A 338 -5.87 0.77 0.74
C MET A 338 -4.80 0.22 -0.19
N SER A 339 -4.76 -1.10 -0.33
CA SER A 339 -3.78 -1.76 -1.19
C SER A 339 -2.33 -1.41 -0.88
N SER A 340 -1.60 -0.96 -1.89
CA SER A 340 -0.19 -0.61 -1.75
C SER A 340 0.13 0.49 -0.74
N ALA A 341 -0.88 1.23 -0.32
CA ALA A 341 -0.69 2.33 0.61
C ALA A 341 -0.54 1.94 2.08
N CYS A 342 -1.24 0.88 2.48
CA CYS A 342 -1.25 0.41 3.85
C CYS A 342 0.07 0.34 4.59
N VAL A 343 1.09 -0.29 3.99
CA VAL A 343 2.38 -0.44 4.67
C VAL A 343 3.06 0.86 5.06
N PHE A 344 2.83 1.91 4.27
CA PHE A 344 3.43 3.23 4.52
C PHE A 344 2.63 4.02 5.56
N PHE A 345 1.36 3.68 5.72
CA PHE A 345 0.54 4.33 6.73
C PHE A 345 0.95 3.69 8.07
N ILE A 346 1.38 2.42 8.01
CA ILE A 346 1.82 1.66 9.18
C ILE A 346 3.23 2.09 9.60
N MET A 347 4.08 2.32 8.60
CA MET A 347 5.45 2.77 8.84
C MET A 347 5.38 4.16 9.48
N ASP A 348 4.47 4.98 8.96
CA ASP A 348 4.27 6.33 9.45
C ASP A 348 3.75 6.24 10.88
N LEU A 349 2.79 5.34 11.12
CA LEU A 349 2.19 5.13 12.43
C LEU A 349 3.18 4.59 13.44
N MET A 350 4.02 3.65 13.01
CA MET A 350 5.04 3.08 13.88
C MET A 350 5.98 4.16 14.41
N ARG A 351 6.64 4.88 13.51
CA ARG A 351 7.56 5.92 13.94
C ARG A 351 6.85 7.02 14.73
N LYS A 352 5.70 7.48 14.25
CA LYS A 352 4.97 8.54 14.95
C LYS A 352 4.70 8.17 16.41
N LYS A 353 4.39 6.90 16.65
CA LYS A 353 4.11 6.41 18.00
C LYS A 353 5.40 6.18 18.79
N SER A 354 6.39 5.53 18.17
CA SER A 354 7.67 5.25 18.82
C SER A 354 8.27 6.53 19.36
N LEU A 355 8.10 7.62 18.60
CA LEU A 355 8.60 8.92 19.01
C LEU A 355 7.77 9.50 20.13
N GLU A 356 6.48 9.23 20.16
CA GLU A 356 5.65 9.78 21.21
C GLU A 356 5.68 8.88 22.43
N ALA A 357 6.47 7.82 22.35
CA ALA A 357 6.61 6.86 23.44
C ALA A 357 7.95 7.01 24.15
N GLY A 358 8.90 7.66 23.47
CA GLY A 358 10.20 7.88 24.05
C GLY A 358 11.15 6.74 23.79
N LEU A 359 10.80 5.90 22.83
CA LEU A 359 11.63 4.75 22.47
C LEU A 359 12.93 5.19 21.80
N LYS A 360 13.95 4.34 21.85
CA LYS A 360 15.26 4.67 21.27
C LYS A 360 15.39 4.61 19.76
N THR A 361 14.42 3.99 19.08
CA THR A 361 14.47 3.91 17.62
C THR A 361 13.07 4.07 17.05
N THR A 362 12.99 4.17 15.72
CA THR A 362 11.71 4.34 15.06
C THR A 362 11.04 3.00 14.82
N GLY A 363 11.77 1.93 15.12
CA GLY A 363 11.24 0.59 14.94
C GLY A 363 10.77 0.02 16.26
N GLU A 364 9.89 0.75 16.94
CA GLU A 364 9.36 0.34 18.23
C GLU A 364 10.50 0.03 19.20
N GLY A 365 11.50 0.92 19.18
CA GLY A 365 12.65 0.78 20.04
C GLY A 365 13.64 -0.27 19.59
N LEU A 366 13.23 -1.12 18.64
CA LEU A 366 14.09 -2.19 18.12
C LEU A 366 14.98 -1.73 16.96
N ASP A 367 15.90 -2.59 16.54
CA ASP A 367 16.81 -2.22 15.46
C ASP A 367 16.42 -2.75 14.09
N TRP A 368 16.03 -4.01 14.03
CA TRP A 368 15.64 -4.59 12.76
C TRP A 368 14.14 -4.89 12.69
N GLY A 369 13.61 -4.82 11.48
CA GLY A 369 12.21 -5.11 11.27
C GLY A 369 12.05 -5.63 9.85
N VAL A 370 10.87 -6.18 9.54
CA VAL A 370 10.58 -6.71 8.21
C VAL A 370 9.28 -6.13 7.70
N LEU A 371 9.26 -5.88 6.40
CA LEU A 371 8.04 -5.37 5.80
C LEU A 371 7.56 -6.35 4.73
N PHE A 372 6.27 -6.72 4.82
CA PHE A 372 5.73 -7.63 3.87
C PHE A 372 4.73 -6.91 2.97
N GLY A 373 4.39 -7.70 1.96
CA GLY A 373 3.51 -7.34 0.89
C GLY A 373 2.96 -8.58 0.23
N PHE A 374 1.67 -8.63 0.20
CA PHE A 374 0.98 -9.78 -0.33
C PHE A 374 0.04 -9.49 -1.49
N GLY A 375 0.19 -10.18 -2.61
CA GLY A 375 -0.68 -9.93 -3.75
C GLY A 375 -0.79 -11.00 -4.81
N PRO A 376 -1.48 -10.70 -5.94
CA PRO A 376 -1.70 -11.56 -7.10
C PRO A 376 -0.62 -12.58 -7.49
N GLY A 377 -1.09 -13.73 -8.00
CA GLY A 377 -0.23 -14.84 -8.41
C GLY A 377 0.39 -15.39 -7.14
N LEU A 378 0.00 -14.72 -6.06
CA LEU A 378 0.46 -14.92 -4.69
C LEU A 378 1.94 -14.65 -4.70
N THR A 379 2.20 -13.36 -4.64
CA THR A 379 3.54 -12.81 -4.61
C THR A 379 3.73 -12.33 -3.19
N ILE A 380 4.94 -12.51 -2.69
CA ILE A 380 5.31 -12.09 -1.36
C ILE A 380 6.56 -11.25 -1.52
N GLU A 381 6.57 -10.08 -0.90
CA GLU A 381 7.73 -9.21 -0.98
C GLU A 381 8.25 -8.95 0.42
N THR A 382 9.45 -9.45 0.69
CA THR A 382 10.08 -9.29 1.99
C THR A 382 11.15 -8.22 1.95
N VAL A 383 10.88 -7.11 2.63
CA VAL A 383 11.82 -6.00 2.71
C VAL A 383 12.36 -5.98 4.14
N VAL A 384 13.68 -5.93 4.28
CA VAL A 384 14.26 -5.88 5.60
C VAL A 384 14.64 -4.44 5.90
N LEU A 385 14.18 -3.93 7.04
CA LEU A 385 14.46 -2.57 7.44
C LEU A 385 15.34 -2.53 8.69
N ARG A 386 16.07 -1.45 8.79
CA ARG A 386 16.95 -1.14 9.92
C ARG A 386 16.49 0.19 10.48
N SER A 387 15.93 0.18 11.68
CA SER A 387 15.41 1.42 12.27
C SER A 387 16.50 2.47 12.48
N MET A 388 16.08 3.72 12.67
CA MET A 388 17.02 4.82 12.92
C MET A 388 16.84 5.32 14.35
N ALA A 389 17.92 5.80 14.95
CA ALA A 389 17.97 6.24 16.34
C ALA A 389 17.03 7.36 16.75
N ILE A 390 16.86 7.46 18.07
CA ILE A 390 16.03 8.44 18.75
C ILE A 390 14.59 8.53 18.25
#